data_1KZI
#
_entry.id   1KZI
#
_cell.length_a   125.296
_cell.length_b   125.296
_cell.length_c   66.771
_cell.angle_alpha   90.00
_cell.angle_beta   90.00
_cell.angle_gamma   120.00
#
_symmetry.space_group_name_H-M   'P 63'
#
loop_
_entity.id
_entity.type
_entity.pdbx_description
1 polymer 'Thymidylate synthase'
2 non-polymer 'CARBONATE ION'
3 non-polymer "2'-DEOXYURIDINE 5'-MONOPHOSPHATE"
4 non-polymer (6S)-5,6,7,8-TETRAHYDROFOLATE
5 non-polymer (2R,3S)-1,4-DIMERCAPTOBUTANE-2,3-DIOL
6 non-polymer GLYCEROL
7 non-polymer 2,3-DIHYDROXY-1,4-DITHIOBUTANE
8 water water
#
_entity_poly.entity_id   1
_entity_poly.type   'polypeptide(L)'
_entity_poly.pdbx_seq_one_letter_code
;(CXM)KQYLELMQKVLDEGTQKNDRTGTGTLSIFGHQMRFNLQDGFPLVTTKRCHLRSIIHELLWFLQGDTNIAYLHENN
VTIWDEWADENGDLGPVYGKQWRAWPTPDGRHIDQITTVLNQLKNDPDSRRIIVSAWNVGELDKMALAPCHAFFQFYVAD
GKLSCQLYQRSCDVFLGLPFNIASYALLVHMMAQQCDLEVGDFVWTGGDTHLYSNHMDQTHLQLSREPRPLPKLIIKRKP
ESIFDYRFEDFEIEGYDPHPGIKAPVAI
;
_entity_poly.pdbx_strand_id   A,B
#
# COMPACT_ATOMS: atom_id res chain seq x y z
N LYS A 2 -15.75 8.78 14.18
CA LYS A 2 -16.27 7.42 14.27
C LYS A 2 -15.27 6.39 13.75
N GLN A 3 -14.75 6.59 12.53
CA GLN A 3 -13.82 5.62 11.96
C GLN A 3 -12.55 5.47 12.78
N TYR A 4 -12.06 6.59 13.31
CA TYR A 4 -10.84 6.59 14.10
C TYR A 4 -11.05 5.86 15.44
N LEU A 5 -12.17 6.17 16.10
CA LEU A 5 -12.45 5.51 17.36
C LEU A 5 -12.67 4.02 17.17
N GLU A 6 -13.32 3.65 16.08
CA GLU A 6 -13.55 2.25 15.82
C GLU A 6 -12.23 1.52 15.58
N LEU A 7 -11.27 2.21 14.96
CA LEU A 7 -9.96 1.59 14.75
C LEU A 7 -9.28 1.39 16.09
N MET A 8 -9.32 2.41 16.95
CA MET A 8 -8.70 2.27 18.27
C MET A 8 -9.29 1.04 18.97
N GLN A 9 -10.62 0.95 18.95
CA GLN A 9 -11.29 -0.16 19.60
C GLN A 9 -10.91 -1.49 18.96
N LYS A 10 -10.66 -1.48 17.65
CA LYS A 10 -10.29 -2.71 16.96
C LYS A 10 -8.92 -3.18 17.42
N VAL A 11 -7.97 -2.24 17.52
CA VAL A 11 -6.63 -2.58 17.98
C VAL A 11 -6.73 -3.15 19.39
N LEU A 12 -7.54 -2.52 20.23
CA LEU A 12 -7.69 -2.98 21.60
C LEU A 12 -8.34 -4.36 21.67
N ASP A 13 -9.33 -4.60 20.81
CA ASP A 13 -10.02 -5.89 20.80
C ASP A 13 -9.27 -7.07 20.17
N GLU A 14 -8.53 -6.81 19.09
CA GLU A 14 -7.82 -7.88 18.38
C GLU A 14 -6.29 -7.83 18.39
N GLY A 15 -5.71 -6.76 18.95
CA GLY A 15 -4.25 -6.63 18.94
C GLY A 15 -3.45 -7.65 19.72
N THR A 16 -2.17 -7.78 19.36
CA THR A 16 -1.30 -8.71 20.07
C THR A 16 -0.20 -7.88 20.69
N GLN A 17 0.29 -8.30 21.86
CA GLN A 17 1.40 -7.58 22.49
C GLN A 17 2.62 -7.82 21.62
N LYS A 18 3.42 -6.77 21.43
CA LYS A 18 4.60 -6.88 20.59
C LYS A 18 5.69 -5.94 21.06
N ASN A 19 6.94 -6.37 20.96
CA ASN A 19 8.06 -5.51 21.34
C ASN A 19 8.29 -4.65 20.09
N ASP A 20 9.07 -3.59 20.24
CA ASP A 20 9.35 -2.74 19.07
C ASP A 20 10.70 -2.08 19.14
N ARG A 21 11.07 -1.47 18.02
CA ARG A 21 12.35 -0.77 17.86
C ARG A 21 12.63 0.24 18.97
N THR A 22 11.61 0.99 19.38
CA THR A 22 11.78 2.01 20.41
C THR A 22 11.91 1.41 21.81
N GLY A 23 11.62 0.12 21.92
CA GLY A 23 11.71 -0.55 23.22
C GLY A 23 10.58 -0.16 24.15
N THR A 24 9.50 0.36 23.57
CA THR A 24 8.34 0.79 24.34
C THR A 24 7.31 -0.31 24.52
N GLY A 25 7.12 -1.11 23.47
CA GLY A 25 6.15 -2.18 23.53
C GLY A 25 4.81 -1.68 22.99
N THR A 26 4.15 -2.49 22.18
CA THR A 26 2.88 -2.09 21.60
C THR A 26 1.83 -3.19 21.60
N LEU A 27 0.62 -2.80 21.21
CA LEU A 27 -0.51 -3.70 21.04
C LEU A 27 -0.77 -3.46 19.57
N SER A 28 -0.67 -4.49 18.74
CA SER A 28 -0.85 -4.26 17.31
C SER A 28 -1.66 -5.25 16.50
N ILE A 29 -2.25 -4.74 15.43
CA ILE A 29 -2.99 -5.57 14.50
C ILE A 29 -2.27 -5.33 13.17
N PHE A 30 -2.55 -6.18 12.19
CA PHE A 30 -1.91 -6.04 10.89
C PHE A 30 -3.00 -6.01 9.82
N GLY A 31 -3.09 -4.89 9.12
CA GLY A 31 -4.09 -4.76 8.08
C GLY A 31 -5.39 -4.14 8.56
N HIS A 32 -5.70 -2.99 7.98
CA HIS A 32 -6.92 -2.27 8.31
C HIS A 32 -7.20 -1.28 7.19
N GLN A 33 -8.47 -0.93 7.02
CA GLN A 33 -8.84 0.03 5.99
C GLN A 33 -10.09 0.79 6.44
N MET A 34 -10.09 2.09 6.19
CA MET A 34 -11.23 2.92 6.53
C MET A 34 -11.28 4.08 5.53
N ARG A 35 -12.44 4.71 5.40
CA ARG A 35 -12.62 5.78 4.44
C ARG A 35 -13.24 7.02 5.04
N PHE A 36 -12.82 8.18 4.52
CA PHE A 36 -13.36 9.45 4.96
C PHE A 36 -13.86 10.19 3.73
N ASN A 37 -15.17 10.40 3.63
CA ASN A 37 -15.71 11.13 2.49
C ASN A 37 -15.43 12.58 2.86
N LEU A 38 -14.52 13.22 2.14
CA LEU A 38 -14.13 14.59 2.45
C LEU A 38 -15.25 15.62 2.32
N GLN A 39 -16.31 15.28 1.61
CA GLN A 39 -17.40 16.23 1.48
C GLN A 39 -18.28 16.22 2.72
N ASP A 40 -18.05 15.25 3.60
CA ASP A 40 -18.80 15.18 4.86
C ASP A 40 -18.23 16.19 5.84
N GLY A 41 -16.96 16.53 5.64
CA GLY A 41 -16.29 17.47 6.51
C GLY A 41 -14.80 17.15 6.55
N PHE A 42 -14.00 18.07 7.10
CA PHE A 42 -12.56 17.84 7.16
C PHE A 42 -12.26 16.87 8.31
N PRO A 43 -11.60 15.74 8.01
CA PRO A 43 -11.28 14.73 9.03
C PRO A 43 -10.23 15.05 10.08
N LEU A 44 -10.51 16.05 10.92
CA LEU A 44 -9.61 16.41 12.01
C LEU A 44 -10.24 15.90 13.31
N VAL A 45 -9.57 14.96 13.97
CA VAL A 45 -10.07 14.38 15.22
C VAL A 45 -10.65 15.42 16.18
N THR A 46 -11.85 15.14 16.68
CA THR A 46 -12.51 16.04 17.61
C THR A 46 -12.56 15.53 19.05
N THR A 47 -12.26 14.25 19.24
CA THR A 47 -12.30 13.70 20.60
C THR A 47 -11.10 14.10 21.46
N LYS A 48 -10.24 14.94 20.89
CA LYS A 48 -9.09 15.52 21.57
C LYS A 48 -8.67 16.69 20.69
N ARG A 49 -8.20 17.77 21.28
CA ARG A 49 -7.78 18.92 20.47
C ARG A 49 -6.50 18.59 19.72
N CYS A 50 -6.55 18.73 18.40
CA CYS A 50 -5.40 18.46 17.54
C CYS A 50 -4.79 19.76 17.01
N HIS A 51 -3.47 19.80 16.96
CA HIS A 51 -2.69 20.96 16.53
C HIS A 51 -2.58 21.09 14.99
N LEU A 52 -3.55 21.75 14.37
CA LEU A 52 -3.55 21.93 12.91
C LEU A 52 -2.35 22.73 12.42
N ARG A 53 -1.84 23.62 13.27
CA ARG A 53 -0.69 24.44 12.91
C ARG A 53 0.50 23.60 12.45
N SER A 54 0.86 22.60 13.24
CA SER A 54 1.98 21.73 12.91
C SER A 54 1.67 20.87 11.68
N ILE A 55 0.43 20.41 11.57
CA ILE A 55 0.03 19.58 10.43
C ILE A 55 0.20 20.33 9.13
N ILE A 56 -0.30 21.56 9.07
CA ILE A 56 -0.19 22.37 7.87
C ILE A 56 1.28 22.64 7.52
N HIS A 57 2.05 23.11 8.49
CA HIS A 57 3.45 23.40 8.23
C HIS A 57 4.24 22.18 7.79
N GLU A 58 3.96 21.02 8.39
CA GLU A 58 4.67 19.81 8.00
C GLU A 58 4.39 19.51 6.53
N LEU A 59 3.14 19.66 6.11
CA LEU A 59 2.79 19.38 4.72
C LEU A 59 3.42 20.38 3.75
N LEU A 60 3.45 21.67 4.11
CA LEU A 60 4.06 22.66 3.23
C LEU A 60 5.55 22.35 3.12
N TRP A 61 6.11 21.87 4.22
CA TRP A 61 7.51 21.51 4.32
C TRP A 61 7.79 20.31 3.39
N PHE A 62 6.94 19.29 3.44
CA PHE A 62 7.09 18.13 2.56
C PHE A 62 7.06 18.60 1.11
N LEU A 63 6.07 19.44 0.79
CA LEU A 63 5.91 19.92 -0.58
C LEU A 63 7.06 20.74 -1.12
N GLN A 64 7.81 21.41 -0.23
CA GLN A 64 8.96 22.18 -0.68
C GLN A 64 10.13 21.24 -0.95
N GLY A 65 10.01 19.99 -0.51
CA GLY A 65 11.06 19.01 -0.70
C GLY A 65 12.14 19.14 0.37
N ASP A 66 11.80 19.82 1.46
CA ASP A 66 12.72 20.07 2.57
C ASP A 66 12.81 18.88 3.54
N THR A 67 14.00 18.66 4.09
CA THR A 67 14.21 17.57 5.05
C THR A 67 15.02 18.00 6.27
N ASN A 68 15.12 19.31 6.48
CA ASN A 68 15.83 19.88 7.64
C ASN A 68 14.75 20.58 8.47
N ILE A 69 14.81 20.43 9.78
CA ILE A 69 13.80 21.02 10.64
C ILE A 69 13.83 22.54 10.84
N ALA A 70 14.80 23.21 10.25
CA ALA A 70 14.91 24.66 10.39
C ALA A 70 13.60 25.37 10.11
N TYR A 71 12.97 25.03 8.99
CA TYR A 71 11.70 25.65 8.61
C TYR A 71 10.62 25.39 9.67
N LEU A 72 10.59 24.18 10.20
CA LEU A 72 9.61 23.84 11.22
C LEU A 72 9.85 24.68 12.48
N HIS A 73 11.12 24.84 12.85
CA HIS A 73 11.46 25.63 14.03
C HIS A 73 11.11 27.09 13.87
N GLU A 74 11.25 27.62 12.66
CA GLU A 74 10.92 29.02 12.41
C GLU A 74 9.43 29.22 12.64
N ASN A 75 8.67 28.15 12.53
CA ASN A 75 7.23 28.23 12.72
C ASN A 75 6.76 27.50 13.98
N ASN A 76 7.69 27.32 14.91
CA ASN A 76 7.42 26.67 16.19
C ASN A 76 6.83 25.26 16.11
N VAL A 77 7.29 24.47 15.16
CA VAL A 77 6.82 23.09 15.02
C VAL A 77 7.97 22.20 15.47
N THR A 78 7.69 21.39 16.49
CA THR A 78 8.71 20.53 17.09
C THR A 78 8.54 19.03 16.91
N ILE A 79 7.55 18.60 16.13
CA ILE A 79 7.28 17.18 15.96
C ILE A 79 8.40 16.33 15.39
N TRP A 80 9.39 16.92 14.74
CA TRP A 80 10.49 16.14 14.18
C TRP A 80 11.82 16.27 14.92
N ASP A 81 11.82 17.03 16.02
CA ASP A 81 13.05 17.23 16.80
C ASP A 81 13.78 15.97 17.25
N GLU A 82 13.04 15.00 17.76
CA GLU A 82 13.64 13.77 18.27
C GLU A 82 14.52 12.96 17.32
N TRP A 83 14.38 13.18 16.02
CA TRP A 83 15.16 12.39 15.07
C TRP A 83 16.17 13.14 14.22
N ALA A 84 16.19 14.46 14.31
CA ALA A 84 17.12 15.26 13.51
C ALA A 84 18.53 15.23 14.10
N ASP A 85 19.55 15.31 13.24
CA ASP A 85 20.92 15.30 13.75
C ASP A 85 21.28 16.68 14.28
N GLU A 86 22.53 16.88 14.69
CA GLU A 86 22.92 18.17 15.26
C GLU A 86 22.82 19.36 14.31
N ASN A 87 22.62 19.09 13.02
CA ASN A 87 22.49 20.15 12.04
C ASN A 87 21.03 20.35 11.66
N GLY A 88 20.15 19.53 12.23
CA GLY A 88 18.72 19.62 11.94
C GLY A 88 18.28 18.76 10.77
N ASP A 89 19.19 17.93 10.26
CA ASP A 89 18.88 17.08 9.12
C ASP A 89 18.28 15.72 9.46
N LEU A 90 17.34 15.29 8.61
CA LEU A 90 16.66 14.02 8.78
C LEU A 90 17.06 13.03 7.68
N GLY A 91 17.82 13.50 6.70
CA GLY A 91 18.18 12.61 5.61
C GLY A 91 17.10 12.73 4.55
N PRO A 92 17.19 11.96 3.46
CA PRO A 92 16.20 12.02 2.37
C PRO A 92 14.84 11.39 2.66
N VAL A 93 14.14 11.95 3.64
CA VAL A 93 12.83 11.45 3.99
C VAL A 93 11.76 12.01 3.06
N TYR A 94 10.50 11.88 3.47
CA TYR A 94 9.34 12.31 2.67
C TYR A 94 9.56 13.40 1.63
N GLY A 95 9.81 14.62 2.09
CA GLY A 95 10.00 15.74 1.18
C GLY A 95 10.92 15.50 0.00
N LYS A 96 12.09 14.95 0.28
CA LYS A 96 13.07 14.68 -0.76
C LYS A 96 12.56 13.63 -1.76
N GLN A 97 11.96 12.55 -1.26
CA GLN A 97 11.47 11.52 -2.16
C GLN A 97 10.29 12.01 -2.99
N TRP A 98 9.44 12.83 -2.39
CA TRP A 98 8.27 13.39 -3.07
C TRP A 98 8.66 14.29 -4.24
N ARG A 99 9.64 15.15 -4.01
CA ARG A 99 10.04 16.13 -5.01
C ARG A 99 11.25 15.77 -5.87
N ALA A 100 12.09 14.85 -5.41
CA ALA A 100 13.29 14.51 -6.17
C ALA A 100 13.80 13.10 -5.94
N TRP A 101 13.01 12.13 -6.35
CA TRP A 101 13.40 10.73 -6.21
C TRP A 101 14.56 10.51 -7.18
N PRO A 102 15.74 10.16 -6.67
CA PRO A 102 16.89 9.93 -7.55
C PRO A 102 16.86 8.58 -8.28
N THR A 103 17.06 8.63 -9.60
CA THR A 103 17.06 7.42 -10.41
C THR A 103 18.49 6.90 -10.51
N PRO A 104 18.68 5.65 -10.94
CA PRO A 104 20.03 5.13 -11.05
C PRO A 104 20.87 5.76 -12.16
N ASP A 105 20.25 6.46 -13.11
CA ASP A 105 21.06 7.07 -14.15
C ASP A 105 21.28 8.57 -13.99
N GLY A 106 21.15 9.05 -12.76
CA GLY A 106 21.40 10.45 -12.46
C GLY A 106 20.28 11.46 -12.58
N ARG A 107 19.08 11.01 -12.91
CA ARG A 107 17.94 11.91 -13.04
C ARG A 107 17.26 11.96 -11.69
N HIS A 108 16.30 12.86 -11.55
CA HIS A 108 15.51 12.97 -10.33
C HIS A 108 14.08 13.14 -10.78
N ILE A 109 13.16 12.46 -10.11
CA ILE A 109 11.78 12.57 -10.51
C ILE A 109 10.93 13.25 -9.47
N ASP A 110 10.24 14.30 -9.92
CA ASP A 110 9.35 15.08 -9.07
C ASP A 110 8.00 14.38 -9.17
N GLN A 111 7.71 13.53 -8.19
CA GLN A 111 6.46 12.78 -8.19
C GLN A 111 5.22 13.62 -8.01
N ILE A 112 5.33 14.73 -7.27
CA ILE A 112 4.17 15.58 -7.06
C ILE A 112 3.77 16.26 -8.37
N THR A 113 4.74 16.81 -9.08
CA THR A 113 4.44 17.45 -10.36
C THR A 113 3.93 16.39 -11.33
N THR A 114 4.50 15.19 -11.25
CA THR A 114 4.10 14.10 -12.12
C THR A 114 2.62 13.76 -11.90
N VAL A 115 2.21 13.64 -10.64
CA VAL A 115 0.82 13.32 -10.32
C VAL A 115 -0.13 14.41 -10.81
N LEU A 116 0.28 15.66 -10.65
CA LEU A 116 -0.56 16.78 -11.10
C LEU A 116 -0.76 16.71 -12.62
N ASN A 117 0.31 16.37 -13.34
CA ASN A 117 0.22 16.27 -14.79
C ASN A 117 -0.68 15.11 -15.20
N GLN A 118 -0.60 14.00 -14.46
CA GLN A 118 -1.44 12.84 -14.74
C GLN A 118 -2.91 13.17 -14.48
N LEU A 119 -3.18 13.90 -13.39
CA LEU A 119 -4.55 14.24 -13.07
C LEU A 119 -5.13 15.13 -14.15
N LYS A 120 -4.29 15.99 -14.72
CA LYS A 120 -4.72 16.91 -15.76
C LYS A 120 -4.91 16.22 -17.12
N ASN A 121 -3.94 15.40 -17.50
CA ASN A 121 -3.97 14.73 -18.80
C ASN A 121 -4.50 13.31 -18.88
N ASP A 122 -4.43 12.58 -17.78
CA ASP A 122 -4.88 11.19 -17.79
C ASP A 122 -5.39 10.79 -16.41
N PRO A 123 -6.50 11.42 -15.96
CA PRO A 123 -7.07 11.12 -14.65
C PRO A 123 -7.53 9.68 -14.43
N ASP A 124 -7.80 8.95 -15.51
CA ASP A 124 -8.23 7.56 -15.36
C ASP A 124 -7.01 6.64 -15.24
N SER A 125 -5.81 7.20 -15.33
CA SER A 125 -4.61 6.39 -15.20
C SER A 125 -4.67 5.61 -13.89
N ARG A 126 -4.18 4.38 -13.93
CA ARG A 126 -4.20 3.56 -12.72
C ARG A 126 -2.85 3.56 -12.04
N ARG A 127 -1.97 4.49 -12.45
CA ARG A 127 -0.65 4.60 -11.83
C ARG A 127 -0.30 6.00 -11.36
N ILE A 128 -1.29 6.71 -10.81
CA ILE A 128 -1.08 8.06 -10.29
C ILE A 128 -0.66 7.81 -8.84
N ILE A 129 0.65 7.59 -8.68
CA ILE A 129 1.23 7.22 -7.41
C ILE A 129 2.44 8.03 -6.95
N VAL A 130 2.58 8.16 -5.64
CA VAL A 130 3.72 8.83 -5.04
C VAL A 130 4.27 7.85 -4.02
N SER A 131 5.55 7.53 -4.11
CA SER A 131 6.13 6.62 -3.15
C SER A 131 7.29 7.26 -2.42
N ALA A 132 7.29 7.12 -1.11
CA ALA A 132 8.38 7.65 -0.30
C ALA A 132 9.30 6.48 0.01
N TRP A 133 8.88 5.27 -0.36
CA TRP A 133 9.67 4.08 -0.05
C TRP A 133 10.81 3.82 -1.04
N ASN A 134 11.85 4.63 -0.94
CA ASN A 134 13.01 4.51 -1.81
C ASN A 134 13.98 3.54 -1.14
N VAL A 135 13.86 2.28 -1.52
CA VAL A 135 14.68 1.20 -0.98
C VAL A 135 16.16 1.53 -0.90
N GLY A 136 16.69 2.15 -1.95
CA GLY A 136 18.11 2.49 -1.98
C GLY A 136 18.57 3.59 -1.02
N GLU A 137 17.64 4.34 -0.44
CA GLU A 137 18.04 5.40 0.47
C GLU A 137 17.46 5.28 1.86
N LEU A 138 16.76 4.18 2.14
CA LEU A 138 16.16 3.98 3.46
C LEU A 138 17.13 4.13 4.61
N ASP A 139 18.33 3.62 4.46
CA ASP A 139 19.25 3.69 5.57
C ASP A 139 20.08 4.97 5.66
N LYS A 140 19.64 5.98 4.93
CA LYS A 140 20.25 7.31 4.93
C LYS A 140 19.26 8.19 5.70
N MET A 141 18.04 7.67 5.86
CA MET A 141 16.96 8.38 6.54
C MET A 141 17.01 8.20 8.04
N ALA A 142 16.58 9.23 8.78
CA ALA A 142 16.57 9.16 10.23
C ALA A 142 15.57 8.08 10.66
N LEU A 143 14.49 7.98 9.92
CA LEU A 143 13.44 6.98 10.17
C LEU A 143 12.89 6.54 8.82
N ALA A 144 12.48 5.28 8.71
CA ALA A 144 11.91 4.80 7.46
C ALA A 144 10.51 5.42 7.33
N PRO A 145 10.09 5.72 6.10
CA PRO A 145 8.77 6.34 5.87
C PRO A 145 7.62 5.53 6.49
N CYS A 146 6.76 6.19 7.29
CA CYS A 146 5.58 5.56 7.89
C CYS A 146 4.44 5.60 6.85
N HIS A 147 4.08 6.81 6.39
CA HIS A 147 3.06 6.92 5.35
C HIS A 147 3.96 6.77 4.14
N ALA A 148 4.05 5.53 3.68
CA ALA A 148 4.99 5.19 2.62
C ALA A 148 4.61 5.23 1.16
N PHE A 149 3.33 5.14 0.86
CA PHE A 149 2.92 5.05 -0.53
C PHE A 149 1.48 5.52 -0.67
N PHE A 150 1.20 6.38 -1.64
CA PHE A 150 -0.17 6.81 -1.84
C PHE A 150 -0.56 6.91 -3.30
N GLN A 151 -1.84 6.69 -3.58
CA GLN A 151 -2.36 6.69 -4.93
C GLN A 151 -3.58 7.58 -5.07
N PHE A 152 -3.70 8.23 -6.22
CA PHE A 152 -4.84 9.10 -6.50
C PHE A 152 -5.80 8.44 -7.48
N TYR A 153 -7.05 8.90 -7.47
CA TYR A 153 -8.08 8.32 -8.31
C TYR A 153 -9.14 9.38 -8.55
N VAL A 154 -9.71 9.38 -9.76
CA VAL A 154 -10.73 10.36 -10.12
C VAL A 154 -11.96 9.69 -10.72
N ALA A 155 -13.14 10.05 -10.20
CA ALA A 155 -14.40 9.51 -10.69
C ALA A 155 -15.48 10.54 -10.43
N ASP A 156 -16.35 10.75 -11.41
CA ASP A 156 -17.44 11.70 -11.28
C ASP A 156 -16.97 13.07 -10.79
N GLY A 157 -15.84 13.53 -11.32
CA GLY A 157 -15.30 14.83 -10.95
C GLY A 157 -14.75 14.98 -9.54
N LYS A 158 -14.59 13.86 -8.84
CA LYS A 158 -14.07 13.88 -7.47
C LYS A 158 -12.70 13.24 -7.37
N LEU A 159 -11.81 13.87 -6.61
CA LEU A 159 -10.46 13.34 -6.42
C LEU A 159 -10.38 12.56 -5.11
N SER A 160 -9.93 11.30 -5.20
CA SER A 160 -9.76 10.47 -4.03
C SER A 160 -8.28 10.13 -3.89
N CYS A 161 -7.90 9.63 -2.72
CA CYS A 161 -6.51 9.28 -2.46
C CYS A 161 -6.47 8.16 -1.45
N GLN A 162 -5.62 7.16 -1.71
CA GLN A 162 -5.45 6.08 -0.77
C GLN A 162 -3.99 6.05 -0.32
N LEU A 163 -3.81 6.00 0.99
CA LEU A 163 -2.49 5.95 1.59
C LEU A 163 -2.25 4.57 2.20
N TYR A 164 -1.05 4.04 2.00
CA TYR A 164 -0.71 2.77 2.65
C TYR A 164 0.29 3.20 3.72
N GLN A 165 -0.10 3.08 4.97
CA GLN A 165 0.77 3.45 6.09
C GLN A 165 1.29 2.16 6.70
N ARG A 166 2.54 1.84 6.38
CA ARG A 166 3.17 0.61 6.85
C ARG A 166 3.33 0.48 8.36
N SER A 167 3.40 1.61 9.06
CA SER A 167 3.55 1.60 10.52
C SER A 167 2.74 2.78 11.04
N CYS A 168 1.89 2.52 12.01
CA CYS A 168 1.07 3.58 12.53
C CYS A 168 0.90 3.65 14.04
N ASP A 169 1.35 4.78 14.57
CA ASP A 169 1.24 5.09 15.99
C ASP A 169 -0.19 5.63 16.01
N VAL A 170 -1.16 4.79 16.38
CA VAL A 170 -2.56 5.20 16.36
C VAL A 170 -2.94 6.42 17.18
N PHE A 171 -2.42 6.51 18.39
CA PHE A 171 -2.77 7.66 19.23
C PHE A 171 -2.14 8.99 18.82
N LEU A 172 -0.81 9.02 18.66
CA LEU A 172 -0.13 10.27 18.31
C LEU A 172 -0.02 10.62 16.85
N GLY A 173 0.38 9.66 16.03
CA GLY A 173 0.58 9.93 14.62
C GLY A 173 -0.63 9.96 13.70
N LEU A 174 -1.51 8.97 13.84
CA LEU A 174 -2.66 8.87 12.96
C LEU A 174 -3.51 10.13 12.78
N PRO A 175 -3.85 10.82 13.89
CA PRO A 175 -4.68 12.02 13.72
C PRO A 175 -4.00 13.01 12.78
N PHE A 176 -2.68 13.15 12.94
CA PHE A 176 -1.89 14.05 12.12
C PHE A 176 -1.88 13.60 10.66
N ASN A 177 -1.57 12.33 10.46
CA ASN A 177 -1.49 11.75 9.13
C ASN A 177 -2.78 11.86 8.35
N ILE A 178 -3.92 11.61 9.00
CA ILE A 178 -5.19 11.69 8.30
C ILE A 178 -5.46 13.13 7.84
N ALA A 179 -5.29 14.09 8.74
CA ALA A 179 -5.54 15.47 8.38
C ALA A 179 -4.57 15.94 7.29
N SER A 180 -3.31 15.50 7.40
CA SER A 180 -2.30 15.89 6.43
C SER A 180 -2.71 15.50 5.01
N TYR A 181 -3.04 14.24 4.78
CA TYR A 181 -3.43 13.81 3.45
C TYR A 181 -4.77 14.39 2.99
N ALA A 182 -5.69 14.61 3.91
CA ALA A 182 -6.98 15.19 3.53
C ALA A 182 -6.70 16.60 3.00
N LEU A 183 -5.77 17.28 3.66
CA LEU A 183 -5.38 18.63 3.26
C LEU A 183 -4.78 18.59 1.86
N LEU A 184 -3.87 17.62 1.65
CA LEU A 184 -3.24 17.47 0.34
C LEU A 184 -4.27 17.23 -0.75
N VAL A 185 -5.26 16.39 -0.47
CA VAL A 185 -6.30 16.12 -1.45
C VAL A 185 -7.05 17.41 -1.82
N HIS A 186 -7.38 18.22 -0.82
CA HIS A 186 -8.08 19.48 -1.07
C HIS A 186 -7.24 20.39 -1.96
N MET A 187 -5.94 20.44 -1.68
CA MET A 187 -5.02 21.29 -2.43
C MET A 187 -4.91 20.84 -3.89
N MET A 188 -4.72 19.54 -4.09
CA MET A 188 -4.61 19.00 -5.45
C MET A 188 -5.93 19.19 -6.21
N ALA A 189 -7.04 19.00 -5.52
CA ALA A 189 -8.35 19.15 -6.14
C ALA A 189 -8.55 20.59 -6.60
N GLN A 190 -8.14 21.53 -5.76
CA GLN A 190 -8.28 22.93 -6.10
C GLN A 190 -7.43 23.29 -7.31
N GLN A 191 -6.22 22.74 -7.37
CA GLN A 191 -5.33 23.01 -8.50
C GLN A 191 -5.88 22.40 -9.79
N CYS A 192 -6.65 21.33 -9.67
CA CYS A 192 -7.20 20.62 -10.81
C CYS A 192 -8.68 20.86 -11.09
N ASP A 193 -9.28 21.83 -10.42
CA ASP A 193 -10.70 22.12 -10.59
C ASP A 193 -11.54 20.85 -10.39
N LEU A 194 -11.20 20.07 -9.37
CA LEU A 194 -11.94 18.86 -9.04
C LEU A 194 -12.56 19.05 -7.66
N GLU A 195 -13.57 18.26 -7.35
CA GLU A 195 -14.21 18.33 -6.05
C GLU A 195 -13.50 17.24 -5.23
N VAL A 196 -13.66 17.25 -3.91
CA VAL A 196 -13.00 16.23 -3.12
C VAL A 196 -13.79 14.93 -3.01
N GLY A 197 -13.08 13.81 -3.08
CA GLY A 197 -13.71 12.51 -2.98
C GLY A 197 -13.45 11.91 -1.62
N ASP A 198 -12.91 10.69 -1.59
CA ASP A 198 -12.62 10.04 -0.32
C ASP A 198 -11.12 9.94 -0.07
N PHE A 199 -10.76 9.88 1.21
CA PHE A 199 -9.38 9.64 1.60
C PHE A 199 -9.51 8.25 2.20
N VAL A 200 -8.84 7.28 1.59
CA VAL A 200 -8.86 5.90 2.07
C VAL A 200 -7.57 5.65 2.82
N TRP A 201 -7.70 5.22 4.07
CA TRP A 201 -6.52 4.95 4.89
C TRP A 201 -6.34 3.46 5.08
N THR A 202 -5.17 2.96 4.69
CA THR A 202 -4.87 1.55 4.83
C THR A 202 -3.62 1.41 5.70
N GLY A 203 -3.66 0.51 6.67
CA GLY A 203 -2.53 0.35 7.54
C GLY A 203 -1.90 -1.02 7.55
N GLY A 204 -0.60 -1.05 7.85
CA GLY A 204 0.12 -2.31 7.95
C GLY A 204 0.17 -2.60 9.45
N ASP A 205 1.33 -2.42 10.07
CA ASP A 205 1.46 -2.64 11.50
C ASP A 205 0.80 -1.44 12.15
N THR A 206 -0.45 -1.64 12.58
CA THR A 206 -1.25 -0.58 13.20
C THR A 206 -1.28 -0.86 14.68
N HIS A 207 -0.63 0.01 15.45
CA HIS A 207 -0.49 -0.20 16.89
C HIS A 207 -0.77 0.96 17.82
N LEU A 208 -0.92 0.59 19.09
CA LEU A 208 -1.14 1.52 20.19
C LEU A 208 0.01 1.24 21.13
N TYR A 209 0.78 2.26 21.46
CA TYR A 209 1.91 2.08 22.36
C TYR A 209 1.42 1.78 23.76
N SER A 210 2.11 0.88 24.43
CA SER A 210 1.76 0.48 25.79
C SER A 210 1.56 1.67 26.72
N ASN A 211 2.32 2.75 26.48
CA ASN A 211 2.21 3.93 27.32
C ASN A 211 1.22 4.98 26.80
N HIS A 212 0.25 4.54 26.02
CA HIS A 212 -0.79 5.40 25.47
C HIS A 212 -2.17 4.84 25.82
N MET A 213 -2.19 3.74 26.57
CA MET A 213 -3.45 3.08 26.92
C MET A 213 -4.48 3.88 27.73
N ASP A 214 -4.04 4.55 28.78
CA ASP A 214 -5.00 5.33 29.57
C ASP A 214 -5.51 6.50 28.72
N GLN A 215 -4.62 7.14 27.97
CA GLN A 215 -5.03 8.25 27.12
C GLN A 215 -6.01 7.76 26.06
N THR A 216 -5.76 6.57 25.51
CA THR A 216 -6.62 5.99 24.50
C THR A 216 -8.02 5.74 25.04
N HIS A 217 -8.10 5.14 26.23
CA HIS A 217 -9.40 4.86 26.80
C HIS A 217 -10.10 6.13 27.24
N LEU A 218 -9.34 7.15 27.63
CA LEU A 218 -9.96 8.41 28.01
C LEU A 218 -10.63 8.99 26.76
N GLN A 219 -9.91 8.97 25.63
CA GLN A 219 -10.45 9.49 24.38
C GLN A 219 -11.67 8.69 23.94
N LEU A 220 -11.62 7.36 24.09
CA LEU A 220 -12.74 6.51 23.68
C LEU A 220 -14.01 6.76 24.49
N SER A 221 -13.87 7.43 25.64
CA SER A 221 -15.03 7.71 26.49
C SER A 221 -15.79 8.93 25.99
N ARG A 222 -15.24 9.57 24.94
CA ARG A 222 -15.85 10.77 24.39
C ARG A 222 -16.59 10.56 23.08
N GLU A 223 -17.64 11.35 22.89
CA GLU A 223 -18.44 11.30 21.67
C GLU A 223 -17.90 12.27 20.63
N PRO A 224 -17.66 11.78 19.40
CA PRO A 224 -17.14 12.66 18.36
C PRO A 224 -18.12 13.79 18.11
N ARG A 225 -17.58 14.94 17.75
CA ARG A 225 -18.43 16.08 17.47
C ARG A 225 -18.48 16.31 15.97
N PRO A 226 -19.32 17.25 15.50
CA PRO A 226 -19.39 17.49 14.05
C PRO A 226 -18.02 17.81 13.48
N LEU A 227 -17.73 17.25 12.31
CA LEU A 227 -16.46 17.49 11.65
C LEU A 227 -16.32 18.96 11.29
N PRO A 228 -15.12 19.52 11.43
CA PRO A 228 -14.92 20.93 11.08
C PRO A 228 -14.97 21.07 9.56
N LYS A 229 -14.91 22.30 9.06
CA LYS A 229 -14.95 22.54 7.63
C LYS A 229 -13.66 23.23 7.17
N LEU A 230 -13.11 22.78 6.06
CA LEU A 230 -11.88 23.37 5.53
C LEU A 230 -12.17 24.38 4.42
N ILE A 231 -11.66 25.59 4.60
CA ILE A 231 -11.83 26.65 3.61
C ILE A 231 -10.48 27.10 3.07
N ILE A 232 -10.30 26.95 1.76
CA ILE A 232 -9.07 27.40 1.12
C ILE A 232 -9.42 28.74 0.48
N LYS A 233 -8.69 29.78 0.88
CA LYS A 233 -8.98 31.14 0.44
C LYS A 233 -8.30 31.61 -0.83
N ARG A 234 -7.44 30.79 -1.41
CA ARG A 234 -6.72 31.21 -2.60
C ARG A 234 -6.35 30.02 -3.47
N LYS A 235 -6.18 30.26 -4.76
CA LYS A 235 -5.76 29.22 -5.68
C LYS A 235 -4.40 29.68 -6.19
N PRO A 236 -3.32 29.22 -5.54
CA PRO A 236 -1.95 29.58 -5.92
C PRO A 236 -1.65 29.16 -7.36
N GLU A 237 -0.59 29.72 -7.93
CA GLU A 237 -0.21 29.40 -9.29
C GLU A 237 0.18 27.92 -9.43
N SER A 238 0.62 27.32 -8.32
CA SER A 238 1.00 25.91 -8.33
C SER A 238 0.78 25.30 -6.95
N ILE A 239 0.81 23.98 -6.90
CA ILE A 239 0.62 23.25 -5.66
C ILE A 239 1.76 23.55 -4.69
N PHE A 240 2.83 24.15 -5.20
CA PHE A 240 4.00 24.46 -4.37
C PHE A 240 4.01 25.90 -3.86
N ASP A 241 2.93 26.63 -4.09
CA ASP A 241 2.90 28.02 -3.68
C ASP A 241 1.90 28.37 -2.56
N TYR A 242 1.37 27.35 -1.89
CA TYR A 242 0.44 27.60 -0.81
C TYR A 242 1.15 28.19 0.39
N ARG A 243 0.41 28.95 1.20
CA ARG A 243 0.95 29.55 2.39
C ARG A 243 0.06 29.18 3.57
N PHE A 244 0.62 29.17 4.77
CA PHE A 244 -0.12 28.82 5.96
C PHE A 244 -1.47 29.54 6.05
N GLU A 245 -1.44 30.84 5.75
CA GLU A 245 -2.63 31.69 5.80
C GLU A 245 -3.73 31.38 4.79
N ASP A 246 -3.45 30.53 3.81
CA ASP A 246 -4.46 30.19 2.81
C ASP A 246 -5.50 29.22 3.34
N PHE A 247 -5.22 28.63 4.50
CA PHE A 247 -6.11 27.64 5.11
C PHE A 247 -6.82 28.15 6.34
N GLU A 248 -8.09 27.82 6.43
CA GLU A 248 -8.90 28.21 7.58
C GLU A 248 -9.83 27.05 7.90
N ILE A 249 -9.82 26.62 9.16
CA ILE A 249 -10.68 25.52 9.58
C ILE A 249 -11.84 26.13 10.37
N GLU A 250 -13.06 25.81 9.97
CA GLU A 250 -14.24 26.36 10.62
C GLU A 250 -15.03 25.35 11.43
N GLY A 251 -15.63 25.82 12.51
CA GLY A 251 -16.43 24.96 13.36
C GLY A 251 -15.72 23.82 14.06
N TYR A 252 -14.44 24.01 14.43
CA TYR A 252 -13.70 22.96 15.12
C TYR A 252 -13.93 23.14 16.62
N ASP A 253 -14.69 22.22 17.20
CA ASP A 253 -15.03 22.28 18.63
C ASP A 253 -14.65 20.95 19.27
N PRO A 254 -13.34 20.71 19.42
CA PRO A 254 -12.84 19.47 20.00
C PRO A 254 -12.94 19.37 21.52
N HIS A 255 -12.81 18.13 22.00
CA HIS A 255 -12.80 17.85 23.42
C HIS A 255 -11.39 18.27 23.82
N PRO A 256 -11.11 18.36 25.13
CA PRO A 256 -9.77 18.77 25.57
C PRO A 256 -8.62 17.93 25.02
N GLY A 257 -7.46 18.57 24.85
CA GLY A 257 -6.30 17.84 24.37
C GLY A 257 -5.89 16.80 25.40
N ILE A 258 -5.22 15.76 24.94
CA ILE A 258 -4.74 14.69 25.80
C ILE A 258 -3.28 14.50 25.46
N LYS A 259 -2.40 14.78 26.43
CA LYS A 259 -0.97 14.66 26.20
C LYS A 259 -0.47 13.22 26.33
N ALA A 260 0.54 12.88 25.52
CA ALA A 260 1.11 11.54 25.54
C ALA A 260 2.55 11.57 25.03
N PRO A 261 3.42 10.70 25.58
CA PRO A 261 4.83 10.61 25.21
C PRO A 261 5.09 9.92 23.88
N VAL A 262 5.95 10.52 23.06
CA VAL A 262 6.30 9.96 21.76
C VAL A 262 7.41 8.93 21.91
N ALA A 263 7.29 7.82 21.18
CA ALA A 263 8.30 6.76 21.21
C ALA A 263 9.40 7.15 20.23
N ILE A 264 10.64 7.18 20.71
CA ILE A 264 11.78 7.56 19.88
C ILE A 264 12.46 6.40 19.15
N LYS B 2 -15.56 -16.71 -1.05
CA LYS B 2 -16.54 -15.75 -0.54
C LYS B 2 -16.12 -14.29 -0.69
N GLN B 3 -14.94 -13.94 -0.19
CA GLN B 3 -14.50 -12.55 -0.27
C GLN B 3 -14.24 -12.13 -1.71
N TYR B 4 -13.76 -13.05 -2.55
CA TYR B 4 -13.49 -12.74 -3.95
C TYR B 4 -14.80 -12.45 -4.68
N LEU B 5 -15.80 -13.30 -4.45
CA LEU B 5 -17.10 -13.14 -5.08
C LEU B 5 -17.83 -11.89 -4.58
N GLU B 6 -17.64 -11.53 -3.32
CA GLU B 6 -18.29 -10.33 -2.80
C GLU B 6 -17.67 -9.10 -3.47
N LEU B 7 -16.37 -9.16 -3.73
CA LEU B 7 -15.68 -8.05 -4.38
C LEU B 7 -16.17 -7.93 -5.82
N MET B 8 -16.26 -9.07 -6.49
CA MET B 8 -16.72 -9.11 -7.87
C MET B 8 -18.12 -8.43 -7.96
N GLN B 9 -19.00 -8.78 -7.03
CA GLN B 9 -20.35 -8.23 -7.00
C GLN B 9 -20.33 -6.74 -6.66
N LYS B 10 -19.43 -6.34 -5.78
CA LYS B 10 -19.33 -4.93 -5.39
C LYS B 10 -18.93 -4.07 -6.59
N VAL B 11 -18.03 -4.57 -7.41
CA VAL B 11 -17.59 -3.82 -8.58
C VAL B 11 -18.79 -3.65 -9.53
N LEU B 12 -19.56 -4.71 -9.70
CA LEU B 12 -20.74 -4.64 -10.56
C LEU B 12 -21.77 -3.64 -10.06
N ASP B 13 -22.00 -3.63 -8.76
CA ASP B 13 -23.00 -2.74 -8.16
C ASP B 13 -22.54 -1.30 -7.95
N GLU B 14 -21.27 -1.12 -7.55
CA GLU B 14 -20.75 0.20 -7.26
C GLU B 14 -19.74 0.79 -8.24
N GLY B 15 -19.13 -0.05 -9.08
CA GLY B 15 -18.15 0.46 -10.01
C GLY B 15 -18.66 1.52 -10.96
N THR B 16 -17.79 2.45 -11.34
CA THR B 16 -18.16 3.49 -12.29
C THR B 16 -17.42 3.20 -13.58
N GLN B 17 -17.96 3.69 -14.71
CA GLN B 17 -17.35 3.46 -16.01
C GLN B 17 -16.04 4.24 -16.18
N LYS B 18 -15.01 3.56 -16.67
CA LYS B 18 -13.71 4.18 -16.86
C LYS B 18 -13.14 3.84 -18.24
N ASN B 19 -12.33 4.75 -18.79
CA ASN B 19 -11.70 4.56 -20.09
C ASN B 19 -10.20 4.42 -19.84
N ASP B 20 -9.75 3.18 -19.67
CA ASP B 20 -8.34 2.92 -19.38
C ASP B 20 -7.41 3.10 -20.56
N ARG B 21 -6.11 3.11 -20.29
CA ARG B 21 -5.14 3.30 -21.35
C ARG B 21 -5.44 2.41 -22.57
N THR B 22 -6.02 1.23 -22.38
CA THR B 22 -6.35 0.39 -23.53
C THR B 22 -7.56 0.86 -24.38
N GLY B 23 -8.62 1.35 -23.76
CA GLY B 23 -9.78 1.80 -24.51
C GLY B 23 -10.80 0.70 -24.60
N THR B 24 -10.61 -0.28 -23.72
CA THR B 24 -11.50 -1.42 -23.59
C THR B 24 -12.66 -0.99 -22.76
N GLY B 25 -12.34 -0.29 -21.70
CA GLY B 25 -13.36 0.18 -20.81
C GLY B 25 -13.51 -0.73 -19.60
N THR B 26 -13.88 -0.16 -18.46
CA THR B 26 -14.04 -0.97 -17.24
C THR B 26 -15.05 -0.38 -16.27
N LEU B 27 -15.41 -1.18 -15.27
CA LEU B 27 -16.28 -0.76 -14.19
C LEU B 27 -15.25 -0.76 -13.06
N SER B 28 -15.14 0.35 -12.35
CA SER B 28 -14.11 0.42 -11.32
C SER B 28 -14.49 1.04 -9.98
N ILE B 29 -13.85 0.55 -8.92
CA ILE B 29 -14.04 1.08 -7.59
C ILE B 29 -12.63 1.42 -7.10
N PHE B 30 -12.51 2.18 -6.03
CA PHE B 30 -11.21 2.55 -5.51
C PHE B 30 -11.10 2.26 -4.02
N GLY B 31 -10.16 1.40 -3.65
CA GLY B 31 -9.99 1.08 -2.25
C GLY B 31 -10.86 -0.06 -1.76
N HIS B 32 -10.24 -1.21 -1.55
CA HIS B 32 -10.94 -2.38 -1.06
C HIS B 32 -9.92 -3.23 -0.33
N GLN B 33 -10.38 -4.04 0.62
CA GLN B 33 -9.47 -4.89 1.37
C GLN B 33 -10.13 -6.21 1.71
N MET B 34 -9.35 -7.29 1.64
CA MET B 34 -9.84 -8.63 1.94
C MET B 34 -8.78 -9.33 2.78
N ARG B 35 -9.20 -10.26 3.62
CA ARG B 35 -8.27 -10.98 4.47
C ARG B 35 -8.49 -12.47 4.32
N PHE B 36 -7.41 -13.20 4.15
CA PHE B 36 -7.47 -14.65 4.01
C PHE B 36 -6.63 -15.31 5.09
N ASN B 37 -7.28 -16.03 6.01
CA ASN B 37 -6.54 -16.73 7.05
C ASN B 37 -5.99 -17.97 6.35
N LEU B 38 -4.68 -18.01 6.15
CA LEU B 38 -4.07 -19.13 5.45
C LEU B 38 -4.21 -20.48 6.14
N GLN B 39 -4.57 -20.47 7.42
CA GLN B 39 -4.76 -21.73 8.13
C GLN B 39 -6.14 -22.30 7.84
N ASP B 40 -6.99 -21.53 7.14
CA ASP B 40 -8.32 -21.99 6.78
C ASP B 40 -8.28 -22.73 5.46
N GLY B 41 -7.15 -22.60 4.76
CA GLY B 41 -6.98 -23.26 3.47
C GLY B 41 -6.24 -22.38 2.49
N PHE B 42 -5.71 -22.98 1.42
CA PHE B 42 -4.98 -22.20 0.41
C PHE B 42 -6.00 -21.44 -0.43
N PRO B 43 -5.88 -20.10 -0.47
CA PRO B 43 -6.80 -19.24 -1.22
C PRO B 43 -6.75 -19.31 -2.75
N LEU B 44 -7.01 -20.49 -3.30
CA LEU B 44 -7.04 -20.68 -4.74
C LEU B 44 -8.51 -20.73 -5.13
N VAL B 45 -8.96 -19.76 -5.90
CA VAL B 45 -10.36 -19.67 -6.32
C VAL B 45 -10.95 -21.01 -6.78
N THR B 46 -12.14 -21.33 -6.27
CA THR B 46 -12.81 -22.58 -6.62
C THR B 46 -13.98 -22.40 -7.59
N THR B 47 -14.45 -21.17 -7.76
CA THR B 47 -15.57 -20.94 -8.68
C THR B 47 -15.15 -20.94 -10.15
N LYS B 48 -13.88 -21.26 -10.37
CA LYS B 48 -13.30 -21.40 -11.72
C LYS B 48 -11.95 -22.06 -11.53
N ARG B 49 -11.60 -22.99 -12.41
CA ARG B 49 -10.31 -23.67 -12.30
C ARG B 49 -9.16 -22.73 -12.61
N CYS B 50 -8.24 -22.61 -11.66
CA CYS B 50 -7.08 -21.77 -11.81
C CYS B 50 -5.87 -22.69 -11.85
N HIS B 51 -5.06 -22.58 -12.90
CA HIS B 51 -3.89 -23.44 -13.02
C HIS B 51 -2.68 -22.86 -12.28
N LEU B 52 -2.19 -23.62 -11.31
CA LEU B 52 -1.05 -23.21 -10.49
C LEU B 52 0.29 -23.30 -11.19
N ARG B 53 0.37 -24.12 -12.24
CA ARG B 53 1.63 -24.29 -12.95
C ARG B 53 2.22 -22.95 -13.36
N SER B 54 1.38 -22.06 -13.89
CA SER B 54 1.82 -20.73 -14.31
C SER B 54 2.12 -19.85 -13.11
N ILE B 55 1.29 -19.96 -12.08
CA ILE B 55 1.46 -19.18 -10.85
C ILE B 55 2.78 -19.53 -10.18
N ILE B 56 3.05 -20.83 -10.08
CA ILE B 56 4.28 -21.31 -9.44
C ILE B 56 5.54 -20.92 -10.21
N HIS B 57 5.55 -21.13 -11.53
CA HIS B 57 6.73 -20.79 -12.30
C HIS B 57 7.01 -19.29 -12.33
N GLU B 58 5.95 -18.48 -12.36
CA GLU B 58 6.15 -17.03 -12.36
C GLU B 58 6.82 -16.59 -11.05
N LEU B 59 6.35 -17.14 -9.93
CA LEU B 59 6.90 -16.79 -8.63
C LEU B 59 8.35 -17.23 -8.50
N LEU B 60 8.66 -18.45 -8.93
CA LEU B 60 10.04 -18.94 -8.85
C LEU B 60 10.90 -18.06 -9.74
N TRP B 61 10.30 -17.61 -10.84
CA TRP B 61 10.96 -16.74 -11.80
C TRP B 61 11.28 -15.39 -11.12
N PHE B 62 10.31 -14.84 -10.39
CA PHE B 62 10.53 -13.58 -9.68
C PHE B 62 11.68 -13.73 -8.70
N LEU B 63 11.62 -14.78 -7.88
CA LEU B 63 12.64 -15.02 -6.86
C LEU B 63 14.05 -15.16 -7.39
N GLN B 64 14.19 -15.58 -8.66
CA GLN B 64 15.51 -15.71 -9.24
C GLN B 64 16.02 -14.37 -9.75
N GLY B 65 15.14 -13.36 -9.71
CA GLY B 65 15.52 -12.03 -10.17
C GLY B 65 15.59 -11.93 -11.68
N ASP B 66 14.89 -12.83 -12.35
CA ASP B 66 14.85 -12.90 -13.80
C ASP B 66 13.69 -12.10 -14.38
N THR B 67 13.93 -11.38 -15.48
CA THR B 67 12.90 -10.59 -16.12
C THR B 67 12.76 -10.94 -17.61
N ASN B 68 13.42 -12.01 -18.03
CA ASN B 68 13.34 -12.49 -19.41
C ASN B 68 12.41 -13.71 -19.41
N ILE B 69 11.39 -13.69 -20.27
CA ILE B 69 10.43 -14.77 -20.32
C ILE B 69 10.94 -16.12 -20.80
N ALA B 70 12.23 -16.22 -21.09
CA ALA B 70 12.81 -17.48 -21.56
C ALA B 70 12.46 -18.62 -20.61
N TYR B 71 12.81 -18.46 -19.34
CA TYR B 71 12.52 -19.46 -18.32
C TYR B 71 11.06 -19.89 -18.35
N LEU B 72 10.17 -18.91 -18.44
CA LEU B 72 8.73 -19.20 -18.48
C LEU B 72 8.36 -20.08 -19.67
N HIS B 73 8.90 -19.74 -20.84
CA HIS B 73 8.61 -20.52 -22.04
C HIS B 73 9.13 -21.96 -21.90
N GLU B 74 10.32 -22.10 -21.31
CA GLU B 74 10.91 -23.41 -21.10
C GLU B 74 9.95 -24.31 -20.31
N ASN B 75 9.00 -23.68 -19.62
CA ASN B 75 8.01 -24.40 -18.84
C ASN B 75 6.61 -24.09 -19.37
N ASN B 76 6.57 -23.64 -20.62
CA ASN B 76 5.33 -23.29 -21.30
C ASN B 76 4.42 -22.34 -20.54
N VAL B 77 5.00 -21.26 -20.02
CA VAL B 77 4.24 -20.25 -19.30
C VAL B 77 4.20 -19.07 -20.28
N THR B 78 3.00 -18.69 -20.70
CA THR B 78 2.83 -17.62 -21.68
C THR B 78 2.18 -16.34 -21.16
N ILE B 79 1.88 -16.29 -19.87
CA ILE B 79 1.22 -15.11 -19.29
C ILE B 79 1.93 -13.78 -19.52
N TRP B 80 3.23 -13.81 -19.81
CA TRP B 80 3.98 -12.58 -20.04
C TRP B 80 4.38 -12.33 -21.49
N ASP B 81 3.72 -13.03 -22.42
CA ASP B 81 4.03 -12.87 -23.83
C ASP B 81 3.60 -11.52 -24.40
N GLU B 82 2.37 -11.10 -24.08
CA GLU B 82 1.83 -9.84 -24.59
C GLU B 82 2.60 -8.57 -24.28
N TRP B 83 3.66 -8.65 -23.47
CA TRP B 83 4.42 -7.45 -23.10
C TRP B 83 5.93 -7.53 -23.30
N ALA B 84 6.45 -8.72 -23.59
CA ALA B 84 7.88 -8.88 -23.79
C ALA B 84 8.31 -8.39 -25.17
N ASP B 85 9.57 -7.97 -25.30
CA ASP B 85 10.06 -7.50 -26.58
C ASP B 85 10.70 -8.62 -27.40
N GLU B 86 11.29 -8.23 -28.53
CA GLU B 86 11.93 -9.17 -29.44
C GLU B 86 12.85 -10.18 -28.78
N ASN B 87 13.61 -9.75 -27.78
CA ASN B 87 14.53 -10.65 -27.09
C ASN B 87 13.90 -11.34 -25.89
N GLY B 88 12.61 -11.09 -25.67
CA GLY B 88 11.92 -11.69 -24.55
C GLY B 88 12.10 -10.93 -23.25
N ASP B 89 12.54 -9.67 -23.35
CA ASP B 89 12.76 -8.85 -22.17
C ASP B 89 11.55 -8.01 -21.80
N LEU B 90 11.43 -7.72 -20.51
CA LEU B 90 10.32 -6.94 -19.98
C LEU B 90 10.84 -5.69 -19.27
N GLY B 91 12.15 -5.58 -19.17
CA GLY B 91 12.74 -4.44 -18.48
C GLY B 91 12.88 -4.80 -17.02
N PRO B 92 13.36 -3.88 -16.18
CA PRO B 92 13.54 -4.16 -14.75
C PRO B 92 12.23 -4.29 -13.94
N VAL B 93 11.42 -5.29 -14.27
CA VAL B 93 10.17 -5.50 -13.56
C VAL B 93 10.37 -6.28 -12.26
N TYR B 94 9.29 -6.77 -11.67
CA TYR B 94 9.29 -7.50 -10.40
C TYR B 94 10.59 -8.19 -10.00
N GLY B 95 10.97 -9.23 -10.74
CA GLY B 95 12.19 -9.96 -10.42
C GLY B 95 13.41 -9.12 -10.11
N LYS B 96 13.70 -8.18 -11.01
CA LYS B 96 14.87 -7.32 -10.84
C LYS B 96 14.82 -6.45 -9.58
N GLN B 97 13.67 -5.85 -9.31
CA GLN B 97 13.53 -5.00 -8.12
C GLN B 97 13.57 -5.83 -6.84
N TRP B 98 13.01 -7.03 -6.89
CA TRP B 98 12.99 -7.91 -5.72
C TRP B 98 14.39 -8.33 -5.30
N ARG B 99 15.20 -8.72 -6.28
CA ARG B 99 16.55 -9.21 -6.02
C ARG B 99 17.72 -8.24 -6.22
N ALA B 100 17.52 -7.22 -7.04
CA ALA B 100 18.59 -6.27 -7.31
C ALA B 100 18.12 -4.84 -7.59
N TRP B 101 17.47 -4.24 -6.59
CA TRP B 101 17.00 -2.87 -6.72
C TRP B 101 18.24 -1.99 -6.84
N PRO B 102 18.41 -1.31 -7.98
CA PRO B 102 19.58 -0.45 -8.15
C PRO B 102 19.53 0.86 -7.35
N THR B 103 20.58 1.14 -6.61
CA THR B 103 20.67 2.37 -5.82
C THR B 103 21.17 3.47 -6.75
N PRO B 104 21.08 4.74 -6.30
CA PRO B 104 21.55 5.85 -7.15
C PRO B 104 23.03 5.76 -7.51
N ASP B 105 23.82 5.15 -6.63
CA ASP B 105 25.26 5.01 -6.82
C ASP B 105 25.78 3.84 -7.64
N GLY B 106 24.89 3.14 -8.34
CA GLY B 106 25.34 2.04 -9.17
C GLY B 106 25.35 0.64 -8.57
N ARG B 107 24.91 0.50 -7.33
CA ARG B 107 24.90 -0.81 -6.74
C ARG B 107 23.47 -1.35 -6.66
N HIS B 108 23.28 -2.52 -6.09
CA HIS B 108 21.95 -3.11 -6.02
C HIS B 108 21.58 -3.66 -4.65
N ILE B 109 20.29 -3.62 -4.32
CA ILE B 109 19.82 -4.11 -3.04
C ILE B 109 18.93 -5.35 -3.22
N ASP B 110 19.21 -6.39 -2.45
CA ASP B 110 18.45 -7.63 -2.51
C ASP B 110 17.38 -7.60 -1.42
N GLN B 111 16.17 -7.17 -1.79
CA GLN B 111 15.09 -7.07 -0.82
C GLN B 111 14.62 -8.40 -0.24
N ILE B 112 14.67 -9.46 -1.03
CA ILE B 112 14.21 -10.76 -0.53
C ILE B 112 15.16 -11.27 0.56
N THR B 113 16.46 -11.13 0.33
CA THR B 113 17.45 -11.56 1.33
C THR B 113 17.29 -10.70 2.58
N THR B 114 17.08 -9.41 2.40
CA THR B 114 16.88 -8.50 3.52
C THR B 114 15.67 -8.97 4.33
N VAL B 115 14.56 -9.23 3.65
CA VAL B 115 13.34 -9.68 4.32
C VAL B 115 13.56 -10.98 5.11
N LEU B 116 14.22 -11.96 4.50
CA LEU B 116 14.47 -13.22 5.20
C LEU B 116 15.28 -13.00 6.47
N ASN B 117 16.29 -12.13 6.38
CA ASN B 117 17.13 -11.86 7.54
C ASN B 117 16.35 -11.07 8.60
N GLN B 118 15.44 -10.21 8.14
CA GLN B 118 14.61 -9.44 9.07
C GLN B 118 13.67 -10.37 9.83
N LEU B 119 13.04 -11.28 9.10
CA LEU B 119 12.12 -12.22 9.73
C LEU B 119 12.82 -13.12 10.74
N LYS B 120 14.07 -13.47 10.47
CA LYS B 120 14.83 -14.33 11.35
C LYS B 120 15.47 -13.61 12.54
N ASN B 121 15.94 -12.40 12.31
CA ASN B 121 16.62 -11.64 13.37
C ASN B 121 15.85 -10.52 14.03
N ASP B 122 14.83 -9.99 13.34
CA ASP B 122 14.07 -8.88 13.88
C ASP B 122 12.60 -9.03 13.47
N PRO B 123 11.96 -10.13 13.88
CA PRO B 123 10.56 -10.41 13.55
C PRO B 123 9.55 -9.33 13.95
N ASP B 124 9.88 -8.55 14.98
CA ASP B 124 8.96 -7.50 15.41
C ASP B 124 9.06 -6.25 14.54
N SER B 125 10.02 -6.22 13.62
CA SER B 125 10.21 -5.07 12.75
C SER B 125 8.93 -4.66 12.02
N ARG B 126 8.73 -3.36 11.91
CA ARG B 126 7.55 -2.83 11.23
C ARG B 126 7.96 -2.36 9.85
N ARG B 127 9.17 -2.75 9.45
CA ARG B 127 9.75 -2.36 8.16
C ARG B 127 10.09 -3.56 7.25
N ILE B 128 9.42 -4.69 7.42
CA ILE B 128 9.71 -5.86 6.60
C ILE B 128 8.91 -5.71 5.30
N ILE B 129 9.52 -5.00 4.36
CA ILE B 129 8.88 -4.68 3.10
C ILE B 129 9.67 -4.95 1.82
N VAL B 130 8.93 -5.25 0.77
CA VAL B 130 9.49 -5.48 -0.54
C VAL B 130 8.67 -4.58 -1.46
N SER B 131 9.35 -3.72 -2.21
CA SER B 131 8.65 -2.83 -3.13
C SER B 131 9.17 -3.01 -4.53
N ALA B 132 8.25 -3.13 -5.48
CA ALA B 132 8.62 -3.27 -6.88
C ALA B 132 8.41 -1.91 -7.54
N TRP B 133 7.90 -0.95 -6.77
CA TRP B 133 7.64 0.38 -7.33
C TRP B 133 8.88 1.26 -7.29
N ASN B 134 9.80 0.97 -8.19
CA ASN B 134 11.03 1.73 -8.30
C ASN B 134 10.74 2.88 -9.27
N VAL B 135 10.36 4.02 -8.71
CA VAL B 135 10.02 5.19 -9.50
C VAL B 135 11.02 5.50 -10.60
N GLY B 136 12.30 5.43 -10.25
CA GLY B 136 13.35 5.73 -11.20
C GLY B 136 13.53 4.77 -12.37
N GLU B 137 12.82 3.65 -12.36
CA GLU B 137 12.95 2.68 -13.45
C GLU B 137 11.65 2.33 -14.14
N LEU B 138 10.56 3.00 -13.76
CA LEU B 138 9.25 2.75 -14.36
C LEU B 138 9.27 2.88 -15.88
N ASP B 139 9.95 3.91 -16.38
CA ASP B 139 10.01 4.16 -17.82
C ASP B 139 10.75 3.07 -18.59
N LYS B 140 11.45 2.19 -17.89
CA LYS B 140 12.19 1.11 -18.53
C LYS B 140 11.43 -0.20 -18.49
N MET B 141 10.36 -0.24 -17.72
CA MET B 141 9.55 -1.46 -17.59
C MET B 141 8.52 -1.58 -18.69
N ALA B 142 8.31 -2.81 -19.18
CA ALA B 142 7.33 -3.07 -20.23
C ALA B 142 5.96 -2.64 -19.76
N LEU B 143 5.77 -2.72 -18.45
CA LEU B 143 4.52 -2.27 -17.83
C LEU B 143 4.77 -2.03 -16.35
N ALA B 144 4.06 -1.06 -15.78
CA ALA B 144 4.22 -0.70 -14.38
C ALA B 144 3.72 -1.80 -13.45
N PRO B 145 4.44 -2.03 -12.34
CA PRO B 145 4.04 -3.07 -11.38
C PRO B 145 2.61 -2.89 -10.88
N CYS B 146 1.82 -3.98 -10.96
CA CYS B 146 0.42 -4.00 -10.46
C CYS B 146 0.44 -4.35 -8.97
N HIS B 147 1.09 -5.48 -8.67
CA HIS B 147 1.29 -5.88 -7.29
C HIS B 147 2.62 -5.20 -7.03
N ALA B 148 2.46 -3.98 -6.48
CA ALA B 148 3.48 -3.00 -6.23
C ALA B 148 4.35 -2.97 -4.94
N PHE B 149 3.76 -3.33 -3.80
CA PHE B 149 4.46 -3.18 -2.52
C PHE B 149 3.81 -4.19 -1.61
N PHE B 150 4.64 -4.92 -0.86
CA PHE B 150 4.09 -5.85 0.12
C PHE B 150 4.89 -5.82 1.41
N GLN B 151 4.22 -6.15 2.50
CA GLN B 151 4.80 -6.12 3.83
C GLN B 151 4.51 -7.38 4.62
N PHE B 152 5.48 -7.84 5.39
CA PHE B 152 5.33 -9.02 6.22
C PHE B 152 5.17 -8.61 7.67
N TYR B 153 4.60 -9.50 8.46
CA TYR B 153 4.32 -9.22 9.86
C TYR B 153 4.36 -10.53 10.64
N VAL B 154 4.90 -10.52 11.85
CA VAL B 154 4.98 -11.71 12.66
C VAL B 154 4.34 -11.52 14.03
N ALA B 155 3.48 -12.45 14.41
CA ALA B 155 2.81 -12.41 15.70
C ALA B 155 2.33 -13.80 16.08
N ASP B 156 2.55 -14.17 17.34
CA ASP B 156 2.14 -15.48 17.83
C ASP B 156 2.69 -16.60 16.95
N GLY B 157 3.94 -16.44 16.52
CA GLY B 157 4.58 -17.44 15.69
C GLY B 157 3.98 -17.62 14.30
N LYS B 158 3.19 -16.65 13.87
CA LYS B 158 2.56 -16.71 12.54
C LYS B 158 3.05 -15.61 11.61
N LEU B 159 3.23 -15.96 10.34
CA LEU B 159 3.69 -14.99 9.34
C LEU B 159 2.54 -14.51 8.47
N SER B 160 2.32 -13.20 8.45
CA SER B 160 1.28 -12.59 7.63
C SER B 160 1.92 -11.71 6.58
N CYS B 161 1.16 -11.35 5.57
CA CYS B 161 1.66 -10.51 4.49
C CYS B 161 0.52 -9.69 3.93
N GLN B 162 0.78 -8.40 3.68
CA GLN B 162 -0.22 -7.54 3.09
C GLN B 162 0.33 -7.03 1.77
N LEU B 163 -0.49 -7.10 0.73
CA LEU B 163 -0.10 -6.65 -0.60
C LEU B 163 -0.92 -5.43 -1.00
N TYR B 164 -0.25 -4.43 -1.56
CA TYR B 164 -0.96 -3.27 -2.07
C TYR B 164 -0.93 -3.42 -3.58
N GLN B 165 -2.09 -3.70 -4.16
CA GLN B 165 -2.18 -3.85 -5.62
C GLN B 165 -2.80 -2.56 -6.13
N ARG B 166 -1.99 -1.71 -6.74
CA ARG B 166 -2.47 -0.42 -7.23
C ARG B 166 -3.47 -0.51 -8.39
N SER B 167 -3.39 -1.60 -9.16
CA SER B 167 -4.30 -1.81 -10.28
C SER B 167 -4.63 -3.30 -10.32
N CYS B 168 -5.92 -3.62 -10.39
CA CYS B 168 -6.32 -5.01 -10.37
C CYS B 168 -7.42 -5.42 -11.34
N ASP B 169 -7.07 -6.35 -12.23
CA ASP B 169 -8.00 -6.93 -13.19
C ASP B 169 -8.67 -7.99 -12.32
N VAL B 170 -9.84 -7.69 -11.78
CA VAL B 170 -10.52 -8.62 -10.88
C VAL B 170 -10.74 -10.03 -11.43
N PHE B 171 -11.16 -10.14 -12.68
CA PHE B 171 -11.41 -11.47 -13.23
C PHE B 171 -10.18 -12.30 -13.61
N LEU B 172 -9.28 -11.74 -14.39
CA LEU B 172 -8.08 -12.48 -14.80
C LEU B 172 -6.91 -12.43 -13.84
N GLY B 173 -6.53 -11.23 -13.41
CA GLY B 173 -5.39 -11.11 -12.54
C GLY B 173 -5.51 -11.47 -11.07
N LEU B 174 -6.56 -10.99 -10.40
CA LEU B 174 -6.73 -11.22 -8.97
C LEU B 174 -6.57 -12.65 -8.46
N PRO B 175 -7.28 -13.62 -9.07
CA PRO B 175 -7.15 -15.00 -8.58
C PRO B 175 -5.69 -15.46 -8.61
N PHE B 176 -5.00 -15.07 -9.68
CA PHE B 176 -3.60 -15.40 -9.88
C PHE B 176 -2.74 -14.75 -8.80
N ASN B 177 -2.96 -13.45 -8.59
CA ASN B 177 -2.22 -12.67 -7.63
C ASN B 177 -2.36 -13.15 -6.19
N ILE B 178 -3.59 -13.48 -5.78
CA ILE B 178 -3.81 -13.96 -4.43
C ILE B 178 -3.05 -15.25 -4.18
N ALA B 179 -3.16 -16.19 -5.11
CA ALA B 179 -2.48 -17.48 -4.99
C ALA B 179 -0.96 -17.31 -4.95
N SER B 180 -0.44 -16.46 -5.84
CA SER B 180 0.99 -16.21 -5.88
C SER B 180 1.54 -15.77 -4.53
N TYR B 181 0.94 -14.74 -3.93
CA TYR B 181 1.43 -14.29 -2.64
C TYR B 181 1.16 -15.25 -1.49
N ALA B 182 0.05 -15.97 -1.55
CA ALA B 182 -0.26 -16.93 -0.50
C ALA B 182 0.86 -17.96 -0.53
N LEU B 183 1.25 -18.35 -1.74
CA LEU B 183 2.31 -19.33 -1.91
C LEU B 183 3.62 -18.79 -1.32
N LEU B 184 3.96 -17.55 -1.64
CA LEU B 184 5.19 -16.95 -1.14
C LEU B 184 5.20 -16.96 0.39
N VAL B 185 4.05 -16.68 1.00
CA VAL B 185 3.96 -16.67 2.45
C VAL B 185 4.29 -18.06 3.01
N HIS B 186 3.74 -19.11 2.40
CA HIS B 186 4.00 -20.47 2.85
C HIS B 186 5.48 -20.79 2.75
N MET B 187 6.11 -20.34 1.67
CA MET B 187 7.53 -20.59 1.46
C MET B 187 8.38 -19.85 2.50
N MET B 188 8.08 -18.57 2.70
CA MET B 188 8.84 -17.78 3.68
C MET B 188 8.67 -18.38 5.06
N ALA B 189 7.44 -18.74 5.41
CA ALA B 189 7.16 -19.32 6.71
C ALA B 189 8.00 -20.57 6.93
N GLN B 190 8.07 -21.42 5.92
CA GLN B 190 8.85 -22.65 6.02
C GLN B 190 10.33 -22.38 6.28
N GLN B 191 10.89 -21.43 5.54
CA GLN B 191 12.30 -21.09 5.70
C GLN B 191 12.59 -20.43 7.05
N CYS B 192 11.56 -19.87 7.67
CA CYS B 192 11.71 -19.22 8.97
C CYS B 192 11.09 -19.97 10.13
N ASP B 193 10.69 -21.21 9.89
CA ASP B 193 10.09 -22.04 10.93
C ASP B 193 8.94 -21.33 11.62
N LEU B 194 8.07 -20.72 10.82
CA LEU B 194 6.90 -20.02 11.34
C LEU B 194 5.66 -20.69 10.75
N GLU B 195 4.52 -20.44 11.37
CA GLU B 195 3.26 -20.98 10.88
C GLU B 195 2.68 -19.89 9.98
N VAL B 196 1.71 -20.22 9.13
CA VAL B 196 1.13 -19.22 8.25
C VAL B 196 0.02 -18.44 8.93
N GLY B 197 -0.01 -17.14 8.68
CA GLY B 197 -1.02 -16.29 9.27
C GLY B 197 -2.03 -15.86 8.22
N ASP B 198 -2.18 -14.55 8.06
CA ASP B 198 -3.14 -14.00 7.09
C ASP B 198 -2.48 -13.38 5.88
N PHE B 199 -3.20 -13.42 4.77
CA PHE B 199 -2.75 -12.73 3.57
C PHE B 199 -3.80 -11.65 3.45
N VAL B 200 -3.36 -10.40 3.57
CA VAL B 200 -4.27 -9.27 3.46
C VAL B 200 -4.09 -8.65 2.09
N TRP B 201 -5.18 -8.56 1.33
CA TRP B 201 -5.11 -7.99 -0.02
C TRP B 201 -5.76 -6.62 -0.01
N THR B 202 -5.02 -5.61 -0.47
CA THR B 202 -5.53 -4.25 -0.53
C THR B 202 -5.43 -3.77 -1.96
N GLY B 203 -6.53 -3.23 -2.48
CA GLY B 203 -6.52 -2.77 -3.86
C GLY B 203 -6.74 -1.28 -4.03
N GLY B 204 -6.16 -0.75 -5.11
CA GLY B 204 -6.33 0.65 -5.45
C GLY B 204 -7.44 0.67 -6.48
N ASP B 205 -7.11 0.90 -7.74
CA ASP B 205 -8.11 0.90 -8.80
C ASP B 205 -8.44 -0.57 -9.07
N THR B 206 -9.55 -1.03 -8.53
CA THR B 206 -9.99 -2.41 -8.65
C THR B 206 -11.11 -2.45 -9.67
N HIS B 207 -10.87 -3.13 -10.79
CA HIS B 207 -11.82 -3.14 -11.88
C HIS B 207 -12.16 -4.45 -12.58
N LEU B 208 -13.27 -4.40 -13.31
CA LEU B 208 -13.73 -5.52 -14.13
C LEU B 208 -13.77 -4.98 -15.55
N TYR B 209 -13.08 -5.64 -16.47
CA TYR B 209 -13.07 -5.20 -17.86
C TYR B 209 -14.44 -5.42 -18.49
N SER B 210 -14.87 -4.47 -19.32
CA SER B 210 -16.15 -4.55 -19.98
C SER B 210 -16.38 -5.86 -20.73
N ASN B 211 -15.32 -6.41 -21.30
CA ASN B 211 -15.43 -7.65 -22.05
C ASN B 211 -15.27 -8.89 -21.17
N HIS B 212 -15.47 -8.71 -19.87
CA HIS B 212 -15.38 -9.81 -18.90
C HIS B 212 -16.71 -9.93 -18.15
N MET B 213 -17.71 -9.16 -18.57
CA MET B 213 -19.02 -9.17 -17.92
C MET B 213 -19.76 -10.50 -18.00
N ASP B 214 -19.74 -11.15 -19.16
CA ASP B 214 -20.42 -12.44 -19.30
C ASP B 214 -19.78 -13.44 -18.35
N GLN B 215 -18.46 -13.49 -18.37
CA GLN B 215 -17.72 -14.41 -17.52
C GLN B 215 -17.95 -14.12 -16.05
N THR B 216 -18.06 -12.84 -15.70
CA THR B 216 -18.31 -12.46 -14.32
C THR B 216 -19.67 -12.94 -13.86
N HIS B 217 -20.69 -12.74 -14.68
CA HIS B 217 -22.03 -13.19 -14.34
C HIS B 217 -22.05 -14.70 -14.17
N LEU B 218 -21.32 -15.40 -15.04
CA LEU B 218 -21.25 -16.85 -14.96
C LEU B 218 -20.63 -17.28 -13.62
N GLN B 219 -19.51 -16.66 -13.29
CA GLN B 219 -18.81 -17.01 -12.06
C GLN B 219 -19.63 -16.69 -10.80
N LEU B 220 -20.34 -15.57 -10.82
CA LEU B 220 -21.14 -15.19 -9.67
C LEU B 220 -22.32 -16.14 -9.44
N SER B 221 -22.69 -16.88 -10.48
CA SER B 221 -23.80 -17.82 -10.36
C SER B 221 -23.32 -19.14 -9.77
N ARG B 222 -22.02 -19.22 -9.49
CA ARG B 222 -21.43 -20.43 -8.92
C ARG B 222 -21.15 -20.30 -7.42
N GLU B 223 -21.37 -21.40 -6.69
CA GLU B 223 -21.12 -21.38 -5.25
C GLU B 223 -19.70 -21.84 -4.94
N PRO B 224 -19.00 -21.10 -4.05
CA PRO B 224 -17.63 -21.47 -3.69
C PRO B 224 -17.56 -22.81 -2.98
N ARG B 225 -16.40 -23.44 -3.00
CA ARG B 225 -16.22 -24.73 -2.38
C ARG B 225 -15.07 -24.71 -1.38
N PRO B 226 -14.99 -25.71 -0.49
CA PRO B 226 -13.90 -25.76 0.49
C PRO B 226 -12.55 -25.53 -0.17
N LEU B 227 -11.73 -24.68 0.44
CA LEU B 227 -10.41 -24.38 -0.10
C LEU B 227 -9.47 -25.58 0.02
N PRO B 228 -8.55 -25.72 -0.95
CA PRO B 228 -7.60 -26.84 -0.95
C PRO B 228 -6.53 -26.63 0.11
N LYS B 229 -5.61 -27.57 0.19
CA LYS B 229 -4.53 -27.48 1.15
C LYS B 229 -3.21 -27.56 0.40
N LEU B 230 -2.33 -26.61 0.67
CA LEU B 230 -1.03 -26.58 0.02
C LEU B 230 -0.04 -27.47 0.76
N ILE B 231 0.64 -28.32 0.01
CA ILE B 231 1.64 -29.20 0.60
C ILE B 231 2.99 -28.92 -0.05
N ILE B 232 3.99 -28.67 0.78
CA ILE B 232 5.35 -28.45 0.28
C ILE B 232 6.07 -29.75 0.63
N LYS B 233 6.40 -30.52 -0.40
CA LYS B 233 7.04 -31.82 -0.23
C LYS B 233 8.54 -31.83 0.08
N ARG B 234 9.18 -30.68 -0.02
CA ARG B 234 10.61 -30.61 0.24
C ARG B 234 10.99 -29.25 0.80
N LYS B 235 11.87 -29.24 1.81
CA LYS B 235 12.30 -27.99 2.41
C LYS B 235 13.71 -27.65 1.89
N PRO B 236 13.79 -26.77 0.88
CA PRO B 236 15.07 -26.35 0.27
C PRO B 236 15.96 -25.64 1.30
N GLU B 237 17.23 -25.46 0.96
CA GLU B 237 18.14 -24.81 1.90
C GLU B 237 17.96 -23.29 1.96
N SER B 238 17.19 -22.73 1.03
CA SER B 238 16.93 -21.29 1.02
C SER B 238 15.66 -20.98 0.24
N ILE B 239 15.14 -19.77 0.42
CA ILE B 239 13.92 -19.34 -0.27
C ILE B 239 14.14 -19.28 -1.78
N PHE B 240 15.40 -19.33 -2.20
CA PHE B 240 15.74 -19.24 -3.62
C PHE B 240 15.97 -20.59 -4.27
N ASP B 241 15.80 -21.67 -3.52
CA ASP B 241 16.04 -23.00 -4.05
C ASP B 241 14.82 -23.89 -4.25
N TYR B 242 13.63 -23.28 -4.31
CA TYR B 242 12.43 -24.07 -4.54
C TYR B 242 12.33 -24.45 -6.01
N ARG B 243 11.52 -25.45 -6.31
CA ARG B 243 11.32 -25.93 -7.66
C ARG B 243 9.85 -26.33 -7.78
N PHE B 244 9.33 -26.31 -9.01
CA PHE B 244 7.94 -26.64 -9.27
C PHE B 244 7.47 -27.93 -8.59
N GLU B 245 8.28 -28.96 -8.64
CA GLU B 245 7.92 -30.25 -8.04
C GLU B 245 7.67 -30.21 -6.53
N ASP B 246 8.18 -29.18 -5.85
CA ASP B 246 8.00 -29.08 -4.41
C ASP B 246 6.58 -28.78 -3.98
N PHE B 247 5.78 -28.24 -4.88
CA PHE B 247 4.40 -27.88 -4.54
C PHE B 247 3.35 -28.83 -5.03
N GLU B 248 2.34 -29.04 -4.19
CA GLU B 248 1.22 -29.90 -4.50
C GLU B 248 -0.01 -29.40 -3.79
N ILE B 249 -1.11 -29.27 -4.53
CA ILE B 249 -2.36 -28.80 -3.96
C ILE B 249 -3.27 -30.00 -3.74
N GLU B 250 -3.78 -30.09 -2.52
CA GLU B 250 -4.63 -31.20 -2.11
C GLU B 250 -6.09 -30.80 -1.98
N GLY B 251 -6.98 -31.67 -2.42
CA GLY B 251 -8.40 -31.41 -2.30
C GLY B 251 -8.92 -30.21 -3.08
N TYR B 252 -8.38 -30.00 -4.28
CA TYR B 252 -8.83 -28.88 -5.10
C TYR B 252 -9.78 -29.42 -6.15
N ASP B 253 -11.06 -29.08 -6.02
CA ASP B 253 -12.08 -29.52 -6.96
C ASP B 253 -12.95 -28.31 -7.30
N PRO B 254 -12.43 -27.43 -8.15
CA PRO B 254 -13.08 -26.20 -8.62
C PRO B 254 -14.11 -26.41 -9.72
N HIS B 255 -14.87 -25.36 -9.98
CA HIS B 255 -15.85 -25.36 -11.06
C HIS B 255 -14.98 -25.28 -12.30
N PRO B 256 -15.54 -25.57 -13.48
CA PRO B 256 -14.74 -25.50 -14.70
C PRO B 256 -14.08 -24.13 -14.93
N GLY B 257 -12.91 -24.15 -15.56
CA GLY B 257 -12.23 -22.90 -15.83
C GLY B 257 -13.09 -22.06 -16.75
N ILE B 258 -12.88 -20.75 -16.74
CA ILE B 258 -13.64 -19.84 -17.58
C ILE B 258 -12.67 -19.08 -18.48
N LYS B 259 -12.93 -19.09 -19.77
CA LYS B 259 -12.07 -18.42 -20.74
C LYS B 259 -12.45 -16.95 -20.91
N ALA B 260 -11.44 -16.09 -20.97
CA ALA B 260 -11.65 -14.65 -21.14
C ALA B 260 -10.43 -13.98 -21.76
N PRO B 261 -10.66 -13.02 -22.68
CA PRO B 261 -9.58 -12.29 -23.35
C PRO B 261 -8.88 -11.27 -22.44
N VAL B 262 -7.56 -11.23 -22.48
CA VAL B 262 -6.79 -10.32 -21.66
C VAL B 262 -6.59 -8.96 -22.34
N ALA B 263 -6.61 -7.89 -21.54
CA ALA B 263 -6.43 -6.54 -22.05
C ALA B 263 -4.95 -6.21 -22.16
N ILE B 264 -4.52 -5.78 -23.35
CA ILE B 264 -3.14 -5.44 -23.61
C ILE B 264 -2.85 -3.96 -23.43
#